data_5N4Z
#
_entry.id   5N4Z
#
_cell.length_a   98.553
_cell.length_b   98.553
_cell.length_c   80.941
_cell.angle_alpha   90.00
_cell.angle_beta   90.00
_cell.angle_gamma   120.00
#
_symmetry.space_group_name_H-M   'P 65'
#
loop_
_entity.id
_entity.type
_entity.pdbx_description
1 polymer 'Serine/threonine-protein kinase pim-1'
2 polymer Pimtide
3 non-polymer (~{E})-4-(4-hydroxyphenyl)but-3-en-2-one
4 water water
#
loop_
_entity_poly.entity_id
_entity_poly.type
_entity_poly.pdbx_seq_one_letter_code
_entity_poly.pdbx_strand_id
1 'polypeptide(L)'
;MLLSKINSLAHLRAAPCNDLHATKLAPGKEKEPLESQYQVGPLLGSGGFGSVYSGIRVSDNLPVAIKHVEKDRISDWGEL
PNGTRVPMEVVLLKKVSSGFSGVIRLLDWFERPDSFVLILERPEPVQDLFDFITERGALQEELARSFFWQVLEAVRHCHN
CGVLHRDIKDENILIDLNRGELKLIDFGSGALLKDTVYTDFDGTRVYSPPEWIRYHRYHGRSAAVWSLGILLYDMVCGDI
PFEHDEEIIGGQVFFRQRVSSECQHLIRWCLALRPSDRPTFEEIQNHPWMQDVLLPQETAEIHLHSLSPGPSK
;
A
2 'polypeptide(L)' ARKRRRHPSGPPTA B
#
loop_
_chem_comp.id
_chem_comp.type
_chem_comp.name
_chem_comp.formula
8MK non-polymer (~{E})-4-(4-hydroxyphenyl)but-3-en-2-one 'C10 H10 O2'
#
# COMPACT_ATOMS: atom_id res chain seq x y z
N LEU A 34 -18.73 20.03 10.75
CA LEU A 34 -18.03 19.12 9.82
C LEU A 34 -18.33 19.49 8.38
N GLU A 35 -19.61 19.65 8.07
CA GLU A 35 -20.03 19.98 6.72
C GLU A 35 -19.70 21.42 6.33
N SER A 36 -19.32 22.25 7.30
CA SER A 36 -18.95 23.64 7.05
C SER A 36 -17.46 23.92 7.28
N GLN A 37 -16.67 22.90 7.58
CA GLN A 37 -15.22 23.05 7.66
C GLN A 37 -14.51 22.62 6.39
N TYR A 38 -15.19 21.87 5.51
CA TYR A 38 -14.59 21.36 4.29
C TYR A 38 -15.56 21.57 3.13
N GLN A 39 -15.04 22.14 2.04
CA GLN A 39 -15.83 22.32 0.82
C GLN A 39 -15.68 21.05 -0.02
N VAL A 40 -16.77 20.33 -0.21
CA VAL A 40 -16.73 19.02 -0.87
C VAL A 40 -16.68 19.21 -2.37
N GLY A 41 -15.89 18.37 -3.04
CA GLY A 41 -15.76 18.39 -4.48
C GLY A 41 -16.10 17.05 -5.10
N PRO A 42 -15.41 16.73 -6.20
CA PRO A 42 -15.79 15.57 -7.01
C PRO A 42 -15.42 14.24 -6.38
N LEU A 43 -16.21 13.23 -6.71
CA LEU A 43 -15.92 11.88 -6.27
C LEU A 43 -14.63 11.40 -6.94
N LEU A 44 -13.66 10.98 -6.11
CA LEU A 44 -12.40 10.44 -6.61
C LEU A 44 -12.48 8.94 -6.86
N GLY A 45 -13.25 8.21 -6.06
CA GLY A 45 -13.37 6.79 -6.26
C GLY A 45 -14.29 6.20 -5.21
N SER A 46 -14.72 4.97 -5.49
CA SER A 46 -15.53 4.22 -4.54
C SER A 46 -15.31 2.72 -4.76
N GLY A 47 -15.48 1.97 -3.69
CA GLY A 47 -15.36 0.52 -3.77
C GLY A 47 -15.45 -0.11 -2.40
N GLY A 48 -14.70 -1.19 -2.17
CA GLY A 48 -14.75 -1.90 -0.90
C GLY A 48 -14.39 -1.03 0.29
N PHE A 49 -13.69 0.09 0.05
CA PHE A 49 -13.27 1.02 1.09
C PHE A 49 -14.31 2.08 1.45
N GLY A 50 -15.34 2.27 0.63
CA GLY A 50 -16.27 3.37 0.78
C GLY A 50 -16.22 4.30 -0.44
N SER A 51 -16.53 5.58 -0.20
CA SER A 51 -16.53 6.58 -1.25
C SER A 51 -15.62 7.73 -0.83
N VAL A 52 -14.65 8.07 -1.68
CA VAL A 52 -13.66 9.09 -1.39
C VAL A 52 -13.89 10.28 -2.30
N TYR A 53 -14.00 11.47 -1.72
CA TYR A 53 -14.20 12.72 -2.44
C TYR A 53 -12.99 13.63 -2.31
N SER A 54 -12.77 14.44 -3.35
CA SER A 54 -11.87 15.56 -3.23
C SER A 54 -12.54 16.67 -2.44
N GLY A 55 -11.72 17.42 -1.72
CA GLY A 55 -12.24 18.52 -0.90
C GLY A 55 -11.13 19.48 -0.56
N ILE A 56 -11.53 20.57 0.08
CA ILE A 56 -10.61 21.64 0.46
C ILE A 56 -11.03 22.14 1.83
N ARG A 57 -10.07 22.16 2.76
CA ARG A 57 -10.29 22.73 4.08
C ARG A 57 -10.42 24.23 3.94
N VAL A 58 -11.55 24.78 4.38
CA VAL A 58 -11.78 26.23 4.21
C VAL A 58 -10.83 27.03 5.08
N SER A 59 -10.35 26.45 6.19
CA SER A 59 -9.47 27.17 7.11
C SER A 59 -8.22 27.69 6.40
N ASP A 60 -7.70 26.94 5.43
CA ASP A 60 -6.44 27.36 4.80
C ASP A 60 -6.26 26.83 3.37
N ASN A 61 -7.32 26.33 2.74
CA ASN A 61 -7.26 25.78 1.38
C ASN A 61 -6.32 24.58 1.27
N LEU A 62 -6.14 23.82 2.34
CA LEU A 62 -5.38 22.60 2.24
C LEU A 62 -6.18 21.60 1.40
N PRO A 63 -5.60 21.03 0.34
CA PRO A 63 -6.29 19.92 -0.35
C PRO A 63 -6.44 18.72 0.57
N VAL A 64 -7.65 18.15 0.58
CA VAL A 64 -7.93 16.97 1.41
C VAL A 64 -8.68 15.93 0.60
N ALA A 65 -8.74 14.74 1.16
CA ALA A 65 -9.62 13.68 0.66
C ALA A 65 -10.58 13.29 1.77
N ILE A 66 -11.84 13.12 1.41
CA ILE A 66 -12.92 12.92 2.36
C ILE A 66 -13.50 11.53 2.10
N LYS A 67 -13.26 10.61 3.02
CA LYS A 67 -13.65 9.21 2.86
C LYS A 67 -14.81 8.87 3.80
N HIS A 68 -15.84 8.26 3.23
CA HIS A 68 -17.06 7.90 3.92
C HIS A 68 -17.14 6.39 3.99
N VAL A 69 -17.42 5.86 5.17
CA VAL A 69 -17.57 4.43 5.40
C VAL A 69 -18.88 4.20 6.14
N GLU A 70 -19.76 3.37 5.58
CA GLU A 70 -21.02 3.06 6.24
C GLU A 70 -20.78 2.15 7.44
N LYS A 71 -21.47 2.46 8.55
CA LYS A 71 -21.22 1.73 9.80
C LYS A 71 -21.53 0.25 9.65
N ASP A 72 -22.62 -0.08 8.95
CA ASP A 72 -23.03 -1.47 8.79
C ASP A 72 -22.03 -2.31 8.00
N ARG A 73 -21.14 -1.67 7.25
CA ARG A 73 -20.17 -2.40 6.44
C ARG A 73 -18.84 -2.58 7.15
N ILE A 74 -18.72 -2.19 8.42
CA ILE A 74 -17.44 -2.21 9.10
C ILE A 74 -17.29 -3.53 9.86
N SER A 75 -16.20 -4.26 9.56
CA SER A 75 -16.02 -5.59 10.11
C SER A 75 -15.28 -5.55 11.45
N ASP A 76 -14.18 -4.80 11.52
CA ASP A 76 -13.29 -4.81 12.66
C ASP A 76 -13.31 -3.46 13.36
N TRP A 77 -13.72 -3.45 14.63
CA TRP A 77 -13.85 -2.24 15.43
C TRP A 77 -12.78 -2.19 16.51
N GLY A 78 -12.43 -0.98 16.93
CA GLY A 78 -11.50 -0.82 18.04
C GLY A 78 -11.78 0.43 18.84
N GLU A 79 -10.82 0.79 19.70
CA GLU A 79 -10.88 2.02 20.48
C GLU A 79 -9.46 2.53 20.68
N LEU A 80 -9.33 3.83 20.81
CA LEU A 80 -7.99 4.40 20.98
C LEU A 80 -7.84 4.88 22.41
N PRO A 81 -7.10 5.97 22.64
CA PRO A 81 -6.94 6.49 24.01
C PRO A 81 -8.26 6.80 24.70
N ASN A 82 -9.02 7.74 24.15
CA ASN A 82 -10.25 8.25 24.77
C ASN A 82 -11.27 7.17 25.10
N GLY A 83 -10.99 5.91 24.74
CA GLY A 83 -11.92 4.83 24.97
C GLY A 83 -13.15 4.85 24.08
N THR A 84 -13.24 5.78 23.13
CA THR A 84 -14.37 5.81 22.21
C THR A 84 -14.23 4.71 21.17
N ARG A 85 -15.36 4.09 20.82
CA ARG A 85 -15.36 2.96 19.89
C ARG A 85 -15.38 3.46 18.45
N VAL A 86 -14.36 3.08 17.67
CA VAL A 86 -14.20 3.56 16.30
C VAL A 86 -13.84 2.39 15.40
N PRO A 87 -13.97 2.57 14.09
CA PRO A 87 -13.42 1.58 13.15
C PRO A 87 -11.93 1.41 13.39
N MET A 88 -11.45 0.17 13.20
CA MET A 88 -10.03 -0.11 13.37
C MET A 88 -9.18 0.77 12.46
N GLU A 89 -9.69 1.11 11.27
CA GLU A 89 -8.94 1.95 10.35
C GLU A 89 -8.54 3.26 11.00
N VAL A 90 -9.45 3.86 11.77
CA VAL A 90 -9.11 5.08 12.50
C VAL A 90 -8.01 4.82 13.53
N VAL A 91 -8.12 3.71 14.27
CA VAL A 91 -7.10 3.36 15.24
C VAL A 91 -5.74 3.25 14.56
N LEU A 92 -5.69 2.52 13.45
CA LEU A 92 -4.41 2.30 12.77
C LEU A 92 -3.89 3.60 12.17
N LEU A 93 -4.78 4.43 11.59
CA LEU A 93 -4.32 5.66 10.96
C LEU A 93 -3.72 6.61 11.99
N LYS A 94 -4.36 6.74 13.16
CA LYS A 94 -3.82 7.59 14.22
C LYS A 94 -2.46 7.10 14.69
N LYS A 95 -2.26 5.78 14.74
CA LYS A 95 -0.97 5.27 15.19
C LYS A 95 0.14 5.58 14.20
N VAL A 96 -0.16 5.64 12.90
CA VAL A 96 0.88 5.91 11.92
C VAL A 96 0.93 7.38 11.47
N SER A 97 0.01 8.22 11.94
CA SER A 97 -0.14 9.58 11.41
C SER A 97 0.66 10.63 12.16
N SER A 98 1.59 10.25 13.01
CA SER A 98 2.41 11.22 13.75
C SER A 98 3.68 11.53 12.99
N GLY A 99 3.92 12.81 12.75
CA GLY A 99 5.11 13.22 12.03
C GLY A 99 5.01 12.94 10.53
N PHE A 100 6.14 13.18 9.86
CA PHE A 100 6.24 13.00 8.41
C PHE A 100 6.52 11.54 8.08
N SER A 101 5.94 11.06 6.98
CA SER A 101 6.23 9.70 6.51
C SER A 101 5.66 9.52 5.10
N GLY A 102 5.87 8.34 4.54
CA GLY A 102 5.33 7.96 3.25
C GLY A 102 3.97 7.33 3.37
N VAL A 103 3.24 7.68 4.43
CA VAL A 103 1.86 7.26 4.65
C VAL A 103 0.95 8.48 4.58
N ILE A 104 -0.17 8.36 3.87
CA ILE A 104 -1.18 9.41 3.87
C ILE A 104 -1.77 9.55 5.27
N ARG A 105 -1.78 10.76 5.79
CA ARG A 105 -2.07 11.03 7.20
C ARG A 105 -3.53 11.37 7.45
N LEU A 106 -4.05 10.87 8.57
CA LEU A 106 -5.40 11.21 9.01
C LEU A 106 -5.37 12.57 9.71
N LEU A 107 -6.09 13.54 9.16
CA LEU A 107 -6.11 14.89 9.73
C LEU A 107 -7.23 15.11 10.72
N ASP A 108 -8.35 14.40 10.55
CA ASP A 108 -9.56 14.61 11.32
C ASP A 108 -10.52 13.48 10.96
N TRP A 109 -11.54 13.30 11.79
CA TRP A 109 -12.58 12.32 11.52
C TRP A 109 -13.83 12.70 12.28
N PHE A 110 -14.98 12.20 11.80
CA PHE A 110 -16.29 12.56 12.35
C PHE A 110 -17.17 11.32 12.35
N GLU A 111 -18.03 11.22 13.36
CA GLU A 111 -19.04 10.17 13.41
C GLU A 111 -20.39 10.77 13.03
N ARG A 112 -21.13 10.07 12.17
CA ARG A 112 -22.48 10.42 11.72
C ARG A 112 -23.41 9.31 12.18
N PRO A 113 -24.74 9.50 12.13
CA PRO A 113 -25.64 8.42 12.55
C PRO A 113 -25.33 7.07 11.95
N ASP A 114 -25.06 6.99 10.64
CA ASP A 114 -24.86 5.71 9.99
C ASP A 114 -23.47 5.51 9.39
N SER A 115 -22.55 6.46 9.60
CA SER A 115 -21.27 6.38 8.90
C SER A 115 -20.18 7.10 9.70
N PHE A 116 -18.94 6.79 9.34
CA PHE A 116 -17.77 7.56 9.77
C PHE A 116 -17.18 8.27 8.56
N VAL A 117 -16.69 9.48 8.78
CA VAL A 117 -16.08 10.29 7.72
C VAL A 117 -14.63 10.59 8.12
N LEU A 118 -13.69 10.31 7.22
CA LEU A 118 -12.28 10.53 7.47
C LEU A 118 -11.75 11.65 6.59
N ILE A 119 -10.98 12.56 7.18
CA ILE A 119 -10.31 13.63 6.44
C ILE A 119 -8.84 13.24 6.29
N LEU A 120 -8.40 13.09 5.05
CA LEU A 120 -7.06 12.62 4.74
C LEU A 120 -6.30 13.66 3.92
N GLU A 121 -4.97 13.60 4.01
CA GLU A 121 -4.13 14.37 3.10
C GLU A 121 -4.48 14.04 1.65
N ARG A 122 -4.29 15.03 0.77
CA ARG A 122 -4.45 14.81 -0.67
C ARG A 122 -3.27 15.46 -1.39
N PRO A 123 -2.35 14.68 -1.96
CA PRO A 123 -1.30 15.27 -2.78
C PRO A 123 -1.88 15.86 -4.04
N GLU A 124 -1.22 16.88 -4.56
CA GLU A 124 -1.65 17.54 -5.79
C GLU A 124 -0.45 18.19 -6.47
N PRO A 125 -0.15 17.78 -7.71
CA PRO A 125 -0.84 16.76 -8.50
C PRO A 125 -0.46 15.33 -8.09
N VAL A 126 -1.33 14.36 -8.40
CA VAL A 126 -1.23 13.01 -7.87
C VAL A 126 -1.71 12.01 -8.93
N GLN A 127 -1.12 10.81 -8.91
CA GLN A 127 -1.61 9.67 -9.67
C GLN A 127 -1.29 8.40 -8.88
N ASP A 128 -2.20 7.43 -8.91
CA ASP A 128 -1.90 6.23 -8.14
C ASP A 128 -0.99 5.32 -8.96
N LEU A 129 -0.31 4.41 -8.26
CA LEU A 129 0.73 3.63 -8.91
C LEU A 129 0.13 2.63 -9.90
N PHE A 130 -1.11 2.19 -9.69
CA PHE A 130 -1.74 1.33 -10.69
C PHE A 130 -1.91 2.04 -12.04
N ASP A 131 -2.50 3.24 -12.04
CA ASP A 131 -2.66 3.97 -13.29
C ASP A 131 -1.32 4.33 -13.91
N PHE A 132 -0.35 4.72 -13.07
CA PHE A 132 0.98 5.06 -13.57
C PHE A 132 1.58 3.91 -14.36
N ILE A 133 1.50 2.69 -13.81
CA ILE A 133 2.11 1.53 -14.48
C ILE A 133 1.32 1.18 -15.74
N THR A 134 -0.01 1.27 -15.69
CA THR A 134 -0.83 1.06 -16.88
C THR A 134 -0.40 1.97 -18.03
N GLU A 135 -0.15 3.24 -17.73
CA GLU A 135 0.17 4.21 -18.78
C GLU A 135 1.60 4.08 -19.26
N ARG A 136 2.56 3.92 -18.35
CA ARG A 136 3.96 3.91 -18.72
C ARG A 136 4.49 2.53 -19.08
N GLY A 137 3.79 1.46 -18.68
CA GLY A 137 4.33 0.13 -18.89
C GLY A 137 5.35 -0.24 -17.83
N ALA A 138 6.15 -1.28 -18.14
CA ALA A 138 7.25 -1.68 -17.27
C ALA A 138 8.16 -0.47 -17.00
N LEU A 139 8.50 -0.28 -15.73
CA LEU A 139 9.31 0.86 -15.32
C LEU A 139 10.79 0.54 -15.47
N GLN A 140 11.57 1.53 -15.94
CA GLN A 140 13.02 1.46 -15.81
C GLN A 140 13.41 1.06 -14.38
N GLU A 141 14.45 0.23 -14.26
CA GLU A 141 14.85 -0.27 -12.95
C GLU A 141 15.24 0.89 -12.00
N GLU A 142 15.91 1.93 -12.52
CA GLU A 142 16.28 3.06 -11.67
C GLU A 142 15.05 3.64 -10.96
N LEU A 143 13.94 3.72 -11.68
CA LEU A 143 12.71 4.28 -11.13
C LEU A 143 12.02 3.30 -10.20
N ALA A 144 11.99 2.01 -10.57
CA ALA A 144 11.41 1.01 -9.68
C ALA A 144 12.19 0.93 -8.37
N ARG A 145 13.53 1.07 -8.44
CA ARG A 145 14.34 1.09 -7.23
C ARG A 145 13.93 2.25 -6.32
N SER A 146 13.80 3.46 -6.87
CA SER A 146 13.42 4.61 -6.05
C SER A 146 12.04 4.43 -5.43
N PHE A 147 11.06 3.99 -6.24
CA PHE A 147 9.70 3.75 -5.73
C PHE A 147 9.68 2.66 -4.67
N PHE A 148 10.27 1.50 -4.98
CA PHE A 148 10.23 0.36 -4.07
C PHE A 148 10.90 0.70 -2.75
N TRP A 149 12.07 1.36 -2.79
CA TRP A 149 12.73 1.87 -1.60
C TRP A 149 11.77 2.69 -0.74
N GLN A 150 11.05 3.65 -1.36
CA GLN A 150 10.13 4.49 -0.59
C GLN A 150 8.99 3.67 0.01
N VAL A 151 8.52 2.65 -0.71
CA VAL A 151 7.49 1.79 -0.13
C VAL A 151 8.05 1.04 1.08
N LEU A 152 9.30 0.55 0.97
CA LEU A 152 9.94 -0.12 2.10
C LEU A 152 10.02 0.78 3.33
N GLU A 153 10.45 2.03 3.15
CA GLU A 153 10.54 2.94 4.29
C GLU A 153 9.17 3.19 4.93
N ALA A 154 8.12 3.26 4.10
CA ALA A 154 6.76 3.50 4.59
C ALA A 154 6.22 2.30 5.37
N VAL A 155 6.46 1.08 4.87
CA VAL A 155 6.00 -0.11 5.57
C VAL A 155 6.79 -0.31 6.86
N ARG A 156 8.12 -0.09 6.81
CA ARG A 156 8.91 -0.08 8.04
C ARG A 156 8.31 0.88 9.06
N HIS A 157 7.84 2.04 8.58
CA HIS A 157 7.24 3.02 9.49
C HIS A 157 5.98 2.47 10.13
N CYS A 158 5.10 1.84 9.33
CA CYS A 158 3.90 1.23 9.89
C CYS A 158 4.25 0.21 10.96
N HIS A 159 5.22 -0.66 10.66
CA HIS A 159 5.57 -1.72 11.59
C HIS A 159 6.20 -1.15 12.86
N ASN A 160 6.99 -0.06 12.75
CA ASN A 160 7.48 0.65 13.94
C ASN A 160 6.31 1.16 14.78
N CYS A 161 5.25 1.61 14.14
CA CYS A 161 4.09 2.11 14.87
C CYS A 161 3.14 1.00 15.32
N GLY A 162 3.50 -0.27 15.14
CA GLY A 162 2.62 -1.36 15.54
C GLY A 162 1.47 -1.65 14.61
N VAL A 163 1.58 -1.29 13.32
CA VAL A 163 0.50 -1.42 12.36
C VAL A 163 0.94 -2.32 11.20
N LEU A 164 0.11 -3.30 10.87
CA LEU A 164 0.29 -4.16 9.69
C LEU A 164 -0.75 -3.75 8.65
N HIS A 165 -0.28 -3.35 7.45
CA HIS A 165 -1.21 -2.81 6.44
C HIS A 165 -2.09 -3.90 5.82
N ARG A 166 -1.49 -5.03 5.43
CA ARG A 166 -2.18 -6.19 4.86
C ARG A 166 -2.82 -5.95 3.49
N ASP A 167 -2.58 -4.82 2.85
CA ASP A 167 -3.10 -4.65 1.51
C ASP A 167 -2.13 -3.84 0.66
N ILE A 168 -0.84 -4.15 0.76
CA ILE A 168 0.16 -3.45 -0.06
C ILE A 168 -0.06 -3.83 -1.52
N LYS A 169 -0.33 -2.85 -2.36
CA LYS A 169 -0.40 -3.04 -3.81
C LYS A 169 -0.33 -1.68 -4.49
N ASP A 170 -0.09 -1.68 -5.82
CA ASP A 170 0.06 -0.43 -6.57
C ASP A 170 -1.19 0.45 -6.47
N GLU A 171 -2.38 -0.17 -6.46
CA GLU A 171 -3.62 0.56 -6.24
C GLU A 171 -3.63 1.35 -4.94
N ASN A 172 -2.92 0.89 -3.91
CA ASN A 172 -2.93 1.56 -2.62
C ASN A 172 -1.71 2.44 -2.41
N ILE A 173 -1.12 2.95 -3.50
CA ILE A 173 0.07 3.79 -3.45
C ILE A 173 -0.15 5.00 -4.35
N LEU A 174 -0.01 6.20 -3.77
CA LEU A 174 -0.15 7.44 -4.52
C LEU A 174 1.22 8.05 -4.78
N ILE A 175 1.37 8.62 -5.97
CA ILE A 175 2.58 9.32 -6.42
C ILE A 175 2.31 10.82 -6.38
N ASP A 176 3.03 11.54 -5.52
CA ASP A 176 3.12 13.00 -5.61
C ASP A 176 4.02 13.33 -6.79
N LEU A 177 3.41 13.71 -7.92
CA LEU A 177 4.17 13.87 -9.16
C LEU A 177 5.19 14.99 -9.07
N ASN A 178 4.91 16.04 -8.28
CA ASN A 178 5.83 17.17 -8.18
C ASN A 178 7.02 16.86 -7.30
N ARG A 179 6.79 16.30 -6.10
CA ARG A 179 7.85 16.03 -5.15
C ARG A 179 8.50 14.66 -5.34
N GLY A 180 7.93 13.78 -6.17
CA GLY A 180 8.51 12.45 -6.36
C GLY A 180 8.40 11.56 -5.13
N GLU A 181 7.38 11.74 -4.29
CA GLU A 181 7.19 10.98 -3.06
C GLU A 181 6.01 10.03 -3.22
N LEU A 182 6.15 8.83 -2.66
CA LEU A 182 5.10 7.83 -2.63
C LEU A 182 4.38 7.84 -1.28
N LYS A 183 3.08 7.57 -1.32
CA LYS A 183 2.23 7.63 -0.13
C LYS A 183 1.32 6.41 -0.07
N LEU A 184 1.35 5.71 1.05
CA LEU A 184 0.53 4.54 1.28
C LEU A 184 -0.86 4.94 1.76
N ILE A 185 -1.90 4.32 1.19
CA ILE A 185 -3.27 4.64 1.54
C ILE A 185 -4.02 3.35 1.89
N ASP A 186 -5.23 3.55 2.44
CA ASP A 186 -6.24 2.53 2.70
C ASP A 186 -5.80 1.48 3.71
N PHE A 187 -6.04 1.75 5.00
CA PHE A 187 -5.76 0.78 6.04
C PHE A 187 -7.00 -0.03 6.46
N GLY A 188 -8.02 -0.06 5.59
CA GLY A 188 -9.27 -0.73 5.93
C GLY A 188 -9.18 -2.24 6.04
N SER A 189 -8.07 -2.85 5.61
CA SER A 189 -7.87 -4.28 5.83
C SER A 189 -6.79 -4.56 6.86
N GLY A 190 -6.25 -3.52 7.50
CA GLY A 190 -5.10 -3.68 8.35
C GLY A 190 -5.44 -4.29 9.70
N ALA A 191 -4.39 -4.42 10.52
CA ALA A 191 -4.48 -4.93 11.89
C ALA A 191 -3.35 -4.34 12.70
N LEU A 192 -3.46 -4.48 14.02
CA LEU A 192 -2.30 -4.25 14.86
C LEU A 192 -1.27 -5.32 14.55
N LEU A 193 0.01 -4.94 14.54
CA LEU A 193 1.06 -5.91 14.28
C LEU A 193 1.23 -6.81 15.50
N LYS A 194 1.33 -8.13 15.26
CA LYS A 194 1.59 -9.09 16.34
C LYS A 194 2.55 -10.16 15.82
N ASP A 195 3.07 -10.96 16.75
CA ASP A 195 4.07 -11.98 16.42
C ASP A 195 3.46 -13.37 16.27
N THR A 196 2.19 -13.53 16.63
CA THR A 196 1.48 -14.80 16.53
C THR A 196 0.77 -14.90 15.18
N VAL A 197 0.14 -16.04 14.91
CA VAL A 197 -0.41 -16.29 13.59
C VAL A 197 -1.66 -15.43 13.36
N TYR A 198 -1.87 -15.05 12.11
CA TYR A 198 -3.14 -14.49 11.67
C TYR A 198 -3.92 -15.56 10.92
N THR A 199 -5.21 -15.64 11.22
CA THR A 199 -6.12 -16.59 10.57
C THR A 199 -7.24 -15.89 9.82
N ASP A 200 -7.26 -14.56 9.78
CA ASP A 200 -8.23 -13.77 9.03
C ASP A 200 -7.50 -12.94 8.00
N PHE A 201 -8.17 -12.68 6.86
CA PHE A 201 -7.58 -11.87 5.81
C PHE A 201 -8.67 -11.36 4.87
N ASP A 202 -8.64 -10.06 4.60
CA ASP A 202 -9.56 -9.42 3.66
C ASP A 202 -8.84 -8.46 2.73
N GLY A 203 -7.55 -8.68 2.49
CA GLY A 203 -6.82 -7.88 1.53
C GLY A 203 -7.05 -8.36 0.12
N THR A 204 -6.09 -8.08 -0.76
CA THR A 204 -6.19 -8.49 -2.15
C THR A 204 -5.55 -9.88 -2.34
N ARG A 205 -6.36 -10.82 -2.84
CA ARG A 205 -5.94 -12.21 -2.92
C ARG A 205 -4.70 -12.39 -3.80
N VAL A 206 -4.66 -11.72 -4.96
CA VAL A 206 -3.51 -11.93 -5.86
C VAL A 206 -2.20 -11.39 -5.30
N TYR A 207 -2.22 -10.62 -4.19
CA TYR A 207 -1.01 -10.24 -3.46
C TYR A 207 -0.81 -11.04 -2.18
N SER A 208 -1.77 -12.03 -1.85
CA SER A 208 -1.63 -12.78 -0.61
C SER A 208 -0.69 -13.98 -0.81
N PRO A 209 -0.07 -14.47 0.26
CA PRO A 209 1.01 -15.44 0.10
C PRO A 209 0.47 -16.86 0.05
N PRO A 210 1.31 -17.82 -0.38
CA PRO A 210 0.81 -19.19 -0.55
C PRO A 210 0.35 -19.84 0.75
N GLU A 211 0.93 -19.47 1.90
CA GLU A 211 0.49 -20.06 3.15
C GLU A 211 -0.93 -19.63 3.50
N TRP A 212 -1.37 -18.47 3.01
CA TRP A 212 -2.76 -18.08 3.18
C TRP A 212 -3.68 -18.85 2.24
N ILE A 213 -3.28 -19.01 0.98
CA ILE A 213 -4.08 -19.78 0.02
C ILE A 213 -4.26 -21.22 0.51
N ARG A 214 -3.15 -21.86 0.92
CA ARG A 214 -3.17 -23.28 1.29
C ARG A 214 -3.86 -23.51 2.64
N TYR A 215 -3.50 -22.72 3.66
CA TYR A 215 -3.81 -23.06 5.04
C TYR A 215 -4.58 -22.00 5.84
N HIS A 216 -4.91 -20.86 5.24
CA HIS A 216 -5.55 -19.75 5.95
C HIS A 216 -4.77 -19.33 7.19
N ARG A 217 -3.44 -19.34 7.08
CA ARG A 217 -2.56 -18.92 8.17
C ARG A 217 -1.37 -18.18 7.60
N TYR A 218 -0.92 -17.14 8.30
CA TYR A 218 0.26 -16.40 7.88
C TYR A 218 0.75 -15.58 9.06
N HIS A 219 2.01 -15.18 8.97
CA HIS A 219 2.60 -14.26 9.93
C HIS A 219 2.79 -12.91 9.25
N GLY A 220 2.77 -11.85 10.05
CA GLY A 220 2.63 -10.52 9.50
C GLY A 220 3.73 -10.05 8.57
N ARG A 221 4.98 -10.05 9.05
N ARG A 221 4.96 -10.06 9.07
CA ARG A 221 6.06 -9.46 8.28
CA ARG A 221 6.10 -9.51 8.33
C ARG A 221 6.41 -10.31 7.06
C ARG A 221 6.36 -10.31 7.06
N SER A 222 6.37 -11.64 7.19
CA SER A 222 6.67 -12.48 6.06
C SER A 222 5.58 -12.41 4.99
N ALA A 223 4.33 -12.22 5.40
CA ALA A 223 3.26 -12.04 4.40
C ALA A 223 3.40 -10.69 3.71
N ALA A 224 3.82 -9.67 4.46
CA ALA A 224 4.08 -8.37 3.84
C ALA A 224 5.18 -8.46 2.79
N VAL A 225 6.26 -9.19 3.11
CA VAL A 225 7.37 -9.28 2.19
C VAL A 225 6.94 -9.95 0.89
N TRP A 226 6.12 -10.99 0.98
CA TRP A 226 5.55 -11.63 -0.22
C TRP A 226 4.83 -10.61 -1.10
N SER A 227 3.92 -9.83 -0.51
CA SER A 227 3.21 -8.82 -1.29
C SER A 227 4.17 -7.79 -1.89
N LEU A 228 5.29 -7.52 -1.20
CA LEU A 228 6.29 -6.61 -1.76
C LEU A 228 7.01 -7.22 -2.95
N GLY A 229 7.28 -8.53 -2.92
CA GLY A 229 7.73 -9.23 -4.11
C GLY A 229 6.76 -9.08 -5.28
N ILE A 230 5.47 -9.27 -5.03
CA ILE A 230 4.48 -9.09 -6.09
C ILE A 230 4.54 -7.68 -6.63
N LEU A 231 4.65 -6.69 -5.74
CA LEU A 231 4.73 -5.29 -6.16
C LEU A 231 5.98 -4.99 -6.99
N LEU A 232 7.13 -5.55 -6.60
CA LEU A 232 8.35 -5.28 -7.34
C LEU A 232 8.28 -5.90 -8.74
N TYR A 233 7.77 -7.13 -8.85
CA TYR A 233 7.56 -7.73 -10.17
C TYR A 233 6.63 -6.86 -11.01
N ASP A 234 5.53 -6.43 -10.41
CA ASP A 234 4.57 -5.54 -11.05
C ASP A 234 5.23 -4.30 -11.66
N MET A 235 6.13 -3.67 -10.90
CA MET A 235 6.81 -2.46 -11.36
C MET A 235 7.74 -2.75 -12.53
N VAL A 236 8.54 -3.82 -12.46
CA VAL A 236 9.56 -3.99 -13.50
C VAL A 236 9.07 -4.82 -14.69
N CYS A 237 7.90 -5.44 -14.59
CA CYS A 237 7.34 -6.21 -15.70
C CYS A 237 6.07 -5.63 -16.30
N GLY A 238 5.41 -4.69 -15.61
CA GLY A 238 4.24 -4.05 -16.13
C GLY A 238 2.95 -4.62 -15.62
N ASP A 239 2.99 -5.78 -14.95
CA ASP A 239 1.80 -6.36 -14.34
C ASP A 239 2.25 -7.39 -13.31
N ILE A 240 1.32 -7.78 -12.44
CA ILE A 240 1.60 -8.74 -11.37
C ILE A 240 1.87 -10.11 -12.00
N PRO A 241 2.63 -10.99 -11.34
CA PRO A 241 3.00 -12.29 -11.96
C PRO A 241 1.90 -13.35 -11.94
N PHE A 242 1.01 -13.30 -10.94
CA PHE A 242 0.04 -14.38 -10.69
C PHE A 242 -1.38 -13.82 -10.71
N GLU A 243 -2.30 -14.59 -11.29
CA GLU A 243 -3.73 -14.29 -11.24
C GLU A 243 -4.55 -15.38 -10.56
N HIS A 244 -4.03 -16.60 -10.43
CA HIS A 244 -4.79 -17.77 -9.99
C HIS A 244 -4.10 -18.45 -8.83
N ASP A 245 -4.91 -19.09 -7.98
CA ASP A 245 -4.41 -19.77 -6.80
C ASP A 245 -3.28 -20.73 -7.13
N GLU A 246 -3.43 -21.47 -8.22
CA GLU A 246 -2.42 -22.46 -8.63
C GLU A 246 -1.09 -21.79 -8.94
N GLU A 247 -1.12 -20.63 -9.61
CA GLU A 247 0.13 -19.90 -9.84
C GLU A 247 0.74 -19.42 -8.53
N ILE A 248 -0.10 -18.90 -7.61
CA ILE A 248 0.41 -18.38 -6.33
C ILE A 248 1.16 -19.46 -5.57
N ILE A 249 0.61 -20.67 -5.51
CA ILE A 249 1.26 -21.72 -4.74
C ILE A 249 2.28 -22.50 -5.57
N GLY A 250 2.32 -22.28 -6.89
CA GLY A 250 3.31 -22.92 -7.72
C GLY A 250 4.70 -22.37 -7.52
N GLY A 251 4.80 -21.09 -7.17
CA GLY A 251 6.08 -20.48 -6.88
C GLY A 251 7.06 -20.48 -8.04
N GLN A 252 6.57 -20.41 -9.26
CA GLN A 252 7.41 -20.29 -10.44
C GLN A 252 7.27 -18.88 -10.99
N VAL A 253 8.36 -18.13 -11.04
CA VAL A 253 8.34 -16.75 -11.49
C VAL A 253 8.93 -16.70 -12.90
N PHE A 254 8.07 -16.43 -13.88
CA PHE A 254 8.47 -16.22 -15.25
C PHE A 254 8.55 -14.72 -15.49
N PHE A 255 9.67 -14.26 -16.07
CA PHE A 255 9.88 -12.85 -16.36
C PHE A 255 9.50 -12.55 -17.80
N ARG A 256 8.47 -11.72 -17.97
CA ARG A 256 7.89 -11.34 -19.25
C ARG A 256 8.54 -10.12 -19.87
N GLN A 257 9.47 -9.50 -19.15
CA GLN A 257 10.24 -8.36 -19.62
C GLN A 257 11.71 -8.61 -19.27
N ARG A 258 12.58 -7.86 -19.94
N ARG A 258 12.58 -7.87 -19.95
CA ARG A 258 14.00 -7.89 -19.61
CA ARG A 258 13.99 -7.87 -19.61
C ARG A 258 14.21 -7.24 -18.24
C ARG A 258 14.17 -7.24 -18.22
N VAL A 259 14.70 -8.02 -17.28
CA VAL A 259 14.94 -7.59 -15.92
C VAL A 259 16.32 -8.08 -15.52
N SER A 260 17.07 -7.22 -14.83
CA SER A 260 18.44 -7.56 -14.48
C SER A 260 18.45 -8.77 -13.55
N SER A 261 19.57 -9.50 -13.57
CA SER A 261 19.70 -10.70 -12.73
C SER A 261 19.61 -10.36 -11.25
N GLU A 262 20.17 -9.21 -10.85
CA GLU A 262 20.10 -8.80 -9.45
C GLU A 262 18.65 -8.55 -9.03
N CYS A 263 17.87 -7.87 -9.88
CA CYS A 263 16.47 -7.63 -9.56
C CYS A 263 15.68 -8.93 -9.54
N GLN A 264 15.88 -9.81 -10.53
CA GLN A 264 15.21 -11.11 -10.54
C GLN A 264 15.50 -11.86 -9.24
N HIS A 265 16.74 -11.81 -8.78
CA HIS A 265 17.11 -12.53 -7.57
C HIS A 265 16.34 -11.98 -6.35
N LEU A 266 16.31 -10.65 -6.19
CA LEU A 266 15.52 -10.06 -5.10
C LEU A 266 14.05 -10.45 -5.19
N ILE A 267 13.46 -10.41 -6.37
CA ILE A 267 12.06 -10.78 -6.51
C ILE A 267 11.85 -12.22 -6.10
N ARG A 268 12.67 -13.14 -6.62
CA ARG A 268 12.47 -14.55 -6.30
C ARG A 268 12.67 -14.81 -4.80
N TRP A 269 13.60 -14.09 -4.18
CA TRP A 269 13.79 -14.20 -2.74
C TRP A 269 12.53 -13.77 -1.98
N CYS A 270 11.96 -12.61 -2.32
CA CYS A 270 10.73 -12.16 -1.66
C CYS A 270 9.57 -13.13 -1.87
N LEU A 271 9.57 -13.85 -3.00
CA LEU A 271 8.50 -14.78 -3.34
C LEU A 271 8.87 -16.22 -3.04
N ALA A 272 9.77 -16.45 -2.08
CA ALA A 272 10.01 -17.81 -1.60
C ALA A 272 8.72 -18.42 -1.07
N LEU A 273 8.46 -19.68 -1.44
CA LEU A 273 7.24 -20.35 -0.99
C LEU A 273 7.24 -20.54 0.52
N ARG A 274 8.36 -20.94 1.11
CA ARG A 274 8.39 -21.05 2.56
C ARG A 274 8.57 -19.67 3.17
N PRO A 275 7.70 -19.24 4.08
CA PRO A 275 7.84 -17.89 4.66
C PRO A 275 9.19 -17.64 5.29
N SER A 276 9.73 -18.63 6.03
CA SER A 276 11.00 -18.41 6.72
C SER A 276 12.17 -18.26 5.75
N ASP A 277 11.99 -18.63 4.48
CA ASP A 277 13.00 -18.39 3.47
C ASP A 277 12.97 -16.99 2.87
N ARG A 278 11.95 -16.18 3.16
CA ARG A 278 11.90 -14.83 2.58
C ARG A 278 12.85 -13.91 3.34
N PRO A 279 13.28 -12.82 2.69
CA PRO A 279 14.16 -11.86 3.36
C PRO A 279 13.43 -11.04 4.41
N THR A 280 14.19 -10.58 5.40
CA THR A 280 13.73 -9.51 6.29
C THR A 280 13.75 -8.18 5.53
N PHE A 281 13.11 -7.15 6.11
CA PHE A 281 13.15 -5.83 5.49
C PHE A 281 14.59 -5.32 5.40
N GLU A 282 15.42 -5.62 6.40
CA GLU A 282 16.82 -5.19 6.37
C GLU A 282 17.58 -5.89 5.25
N GLU A 283 17.38 -7.20 5.08
CA GLU A 283 18.00 -7.89 3.97
C GLU A 283 17.54 -7.37 2.60
N ILE A 284 16.30 -6.90 2.48
CA ILE A 284 15.86 -6.30 1.22
C ILE A 284 16.63 -5.02 0.95
N GLN A 285 16.69 -4.13 1.93
CA GLN A 285 17.32 -2.83 1.74
C GLN A 285 18.84 -2.92 1.62
N ASN A 286 19.44 -4.02 2.06
CA ASN A 286 20.86 -4.28 1.90
C ASN A 286 21.18 -5.06 0.64
N HIS A 287 20.17 -5.46 -0.12
CA HIS A 287 20.40 -6.26 -1.31
C HIS A 287 21.15 -5.42 -2.35
N PRO A 288 22.07 -6.01 -3.10
CA PRO A 288 22.82 -5.22 -4.09
C PRO A 288 21.94 -4.49 -5.09
N TRP A 289 20.78 -5.03 -5.47
CA TRP A 289 19.93 -4.28 -6.39
C TRP A 289 19.41 -2.99 -5.79
N MET A 290 19.47 -2.83 -4.47
CA MET A 290 18.86 -1.69 -3.81
C MET A 290 19.83 -0.54 -3.54
N GLN A 291 21.10 -0.67 -3.93
N GLN A 291 21.09 -0.68 -3.98
CA GLN A 291 22.06 0.36 -3.57
CA GLN A 291 22.11 0.33 -3.73
C GLN A 291 21.97 1.56 -4.52
C GLN A 291 21.86 1.60 -4.53
N ASP A 292 22.32 2.73 -3.99
CA ASP A 292 22.39 4.00 -4.73
C ASP A 292 21.01 4.50 -5.19
N VAL A 293 20.04 4.47 -4.29
CA VAL A 293 18.69 4.90 -4.64
C VAL A 293 18.68 6.41 -4.92
N LEU A 294 17.88 6.83 -5.88
CA LEU A 294 17.69 8.26 -6.13
C LEU A 294 16.96 8.91 -4.95
N LEU A 295 17.19 10.21 -4.79
CA LEU A 295 16.39 11.01 -3.88
C LEU A 295 15.01 11.21 -4.49
N PRO A 296 14.02 11.55 -3.67
CA PRO A 296 12.69 11.85 -4.24
C PRO A 296 12.71 12.99 -5.24
N GLN A 297 13.38 14.10 -4.90
CA GLN A 297 13.50 15.22 -5.83
C GLN A 297 14.11 14.77 -7.15
N GLU A 298 15.27 14.10 -7.09
CA GLU A 298 15.89 13.57 -8.30
C GLU A 298 14.92 12.69 -9.08
N THR A 299 14.16 11.82 -8.38
CA THR A 299 13.24 10.93 -9.04
C THR A 299 12.18 11.70 -9.82
N ALA A 300 11.63 12.77 -9.21
CA ALA A 300 10.65 13.57 -9.92
C ALA A 300 11.26 14.27 -11.14
N GLU A 301 12.48 14.80 -10.99
CA GLU A 301 13.07 15.57 -12.09
C GLU A 301 13.46 14.67 -13.27
N ILE A 302 14.06 13.51 -12.98
CA ILE A 302 14.51 12.62 -14.06
C ILE A 302 13.34 11.90 -14.70
N HIS A 303 12.34 11.52 -13.92
CA HIS A 303 11.36 10.54 -14.37
C HIS A 303 9.93 11.04 -14.42
N LEU A 304 9.58 12.10 -13.69
CA LEU A 304 8.18 12.50 -13.55
C LEU A 304 7.85 13.86 -14.17
N HIS A 305 8.76 14.83 -14.14
CA HIS A 305 8.47 16.17 -14.67
C HIS A 305 8.52 16.17 -16.20
N ARG B 2 -2.13 -8.09 -23.49
CA ARG B 2 -2.63 -8.86 -22.35
C ARG B 2 -3.40 -7.98 -21.36
N LYS B 3 -4.54 -8.49 -20.88
CA LYS B 3 -5.41 -7.69 -20.03
C LYS B 3 -4.80 -7.50 -18.64
N ARG B 4 -4.57 -6.24 -18.26
CA ARG B 4 -4.20 -5.84 -16.92
C ARG B 4 -5.43 -5.26 -16.22
N ARG B 5 -5.68 -5.69 -14.99
CA ARG B 5 -6.88 -5.26 -14.28
C ARG B 5 -6.58 -4.99 -12.81
N ARG B 6 -7.42 -4.15 -12.22
CA ARG B 6 -7.42 -3.97 -10.78
C ARG B 6 -8.05 -5.19 -10.13
N HIS B 7 -7.79 -5.35 -8.83
CA HIS B 7 -8.32 -6.46 -8.05
C HIS B 7 -8.90 -5.90 -6.75
N PRO B 8 -10.20 -6.06 -6.51
CA PRO B 8 -10.80 -5.57 -5.26
C PRO B 8 -10.33 -6.36 -4.05
N SER B 9 -10.34 -5.70 -2.90
CA SER B 9 -10.11 -6.38 -1.63
C SER B 9 -11.22 -7.38 -1.35
N GLY B 10 -10.88 -8.41 -0.58
CA GLY B 10 -11.82 -9.45 -0.20
C GLY B 10 -11.68 -10.72 -1.02
C4 8MK C . -7.40 8.32 -0.87
C5 8MK C . -6.68 9.15 0.00
C6 8MK C . -6.10 10.32 -0.46
C7 8MK C . -6.24 10.70 -1.78
C8 8MK C . -6.95 9.90 -2.66
C9 8MK C . -7.52 8.72 -2.21
O 8MK C . -8.53 4.82 2.29
C1 8MK C . -8.50 5.26 1.13
C 8MK C . -9.04 4.43 0.00
C2 8MK C . -7.97 6.61 0.84
C3 8MK C . -8.00 7.08 -0.40
O1 8MK C . -5.66 11.87 -2.22
#